data_5GXW
#
_entry.id   5GXW
#
_cell.length_a   78.065
_cell.length_b   89.658
_cell.length_c   101.187
_cell.angle_alpha   90.000
_cell.angle_beta   90.000
_cell.angle_gamma   90.000
#
_symmetry.space_group_name_H-M   'P 21 21 21'
#
loop_
_entity.id
_entity.type
_entity.pdbx_description
1 polymer 'Importin subunit alpha-1'
2 polymer 'Peptide from Nuclear mitotic apparatus protein 1'
3 water water
#
loop_
_entity_poly.entity_id
_entity_poly.type
_entity_poly.pdbx_seq_one_letter_code
_entity_poly.pdbx_strand_id
1 'polypeptide(L)'
;NQGTVNWSVEDIVKGINSNNLESQLQATQAARKLLSREKQPPIDNIIRAGLIPKFVSFLGKTDCSPIQFESAWALTNIAS
GTSEQTKAVVDGGAIPAFISLLASPHAHISEQAVWALGNIAGDGSAFRDLVIKHGAIDPLLALLAVPDLSTLACGYLRNL
TWTLSNLCRNKNPAPPLDAVEQILPTLVRLLHHNDPEVLADSCWAISYLTDGPNERIEMVVKKGVVPQLVKLLGATELPI
VTPALRAIGNIVTGTDEQTQKVIDAGALAVFPSLLTNPKTNIQKEATWTMSNITAGRQDQIQQVVNHGLVPFLVGVLSKA
DFKTQKEAAWAITNYTSGGTVEQIVYLVHCGIIEPLMNLLSAKDTKIIQVILDAISNIFQAAEKLGETEKLSIMIEECGG
LDKIEALQRHENESVYKASLNLIEKYFS
;
A
2 'polypeptide(L)' RQQRKRVSLEPHQGPGTPESKKATSCF B
#
# COMPACT_ATOMS: atom_id res chain seq x y z
N ASN A 1 -32.19 2.21 -25.75
CA ASN A 1 -31.00 3.05 -25.90
C ASN A 1 -31.14 3.99 -27.10
N GLN A 2 -32.04 4.97 -26.98
CA GLN A 2 -32.26 5.98 -28.01
C GLN A 2 -32.79 7.27 -27.40
N GLY A 3 -33.87 7.16 -26.62
CA GLY A 3 -34.54 8.30 -26.05
C GLY A 3 -33.95 8.85 -24.76
N THR A 4 -32.91 8.22 -24.20
CA THR A 4 -32.31 8.70 -22.96
C THR A 4 -30.85 9.12 -23.16
N VAL A 5 -30.41 9.32 -24.41
CA VAL A 5 -29.02 9.65 -24.71
C VAL A 5 -28.89 11.16 -24.86
N ASN A 6 -28.02 11.76 -24.04
CA ASN A 6 -27.67 13.18 -24.09
C ASN A 6 -28.87 14.09 -23.83
N TRP A 7 -29.63 13.79 -22.77
CA TRP A 7 -30.63 14.74 -22.32
C TRP A 7 -29.96 15.97 -21.71
N SER A 8 -30.67 17.09 -21.80
CA SER A 8 -30.32 18.24 -20.99
C SER A 8 -30.63 17.98 -19.51
N VAL A 9 -29.94 18.70 -18.63
CA VAL A 9 -30.22 18.58 -17.21
C VAL A 9 -31.65 19.03 -16.90
N GLU A 10 -32.13 20.05 -17.64
CA GLU A 10 -33.45 20.58 -17.36
C GLU A 10 -34.54 19.58 -17.74
N ASP A 11 -34.36 18.83 -18.83
CA ASP A 11 -35.31 17.78 -19.18
C ASP A 11 -35.31 16.66 -18.15
N ILE A 12 -34.11 16.26 -17.70
CA ILE A 12 -33.99 15.29 -16.63
C ILE A 12 -34.79 15.74 -15.42
N VAL A 13 -34.67 17.03 -15.06
CA VAL A 13 -35.41 17.55 -13.91
C VAL A 13 -36.92 17.46 -14.16
N LYS A 14 -37.35 17.83 -15.36
CA LYS A 14 -38.77 17.75 -15.71
C LYS A 14 -39.29 16.33 -15.53
N GLY A 15 -38.53 15.33 -15.99
CA GLY A 15 -38.97 13.96 -15.89
C GLY A 15 -39.03 13.47 -14.46
N ILE A 16 -38.02 13.81 -13.67
CA ILE A 16 -37.98 13.32 -12.30
C ILE A 16 -39.05 13.98 -11.44
N ASN A 17 -39.43 15.22 -11.78
CA ASN A 17 -40.45 15.96 -11.03
C ASN A 17 -41.88 15.64 -11.46
N SER A 18 -42.08 14.87 -12.53
CA SER A 18 -43.43 14.44 -12.88
C SER A 18 -43.96 13.51 -11.80
N ASN A 19 -45.23 13.14 -11.91
CA ASN A 19 -45.79 12.19 -10.96
C ASN A 19 -46.03 10.83 -11.62
N ASN A 20 -45.10 10.45 -12.50
CA ASN A 20 -45.22 9.26 -13.34
C ASN A 20 -43.95 8.45 -13.14
N LEU A 21 -44.07 7.31 -12.47
CA LEU A 21 -42.89 6.53 -12.13
C LEU A 21 -42.10 6.13 -13.37
N GLU A 22 -42.78 5.78 -14.47
CA GLU A 22 -42.06 5.47 -15.69
C GLU A 22 -41.33 6.67 -16.26
N SER A 23 -41.95 7.85 -16.22
CA SER A 23 -41.24 9.04 -16.64
C SER A 23 -40.02 9.28 -15.75
N GLN A 24 -40.17 9.06 -14.44
CA GLN A 24 -39.02 9.21 -13.55
C GLN A 24 -37.94 8.19 -13.88
N LEU A 25 -38.32 6.96 -14.22
CA LEU A 25 -37.34 5.93 -14.59
C LEU A 25 -36.53 6.36 -15.81
N GLN A 26 -37.22 6.79 -16.86
CA GLN A 26 -36.53 7.23 -18.07
C GLN A 26 -35.61 8.43 -17.77
N ALA A 27 -36.07 9.39 -16.96
CA ALA A 27 -35.23 10.54 -16.69
C ALA A 27 -34.06 10.16 -15.78
N THR A 28 -34.30 9.21 -14.87
CA THR A 28 -33.19 8.71 -14.07
C THR A 28 -32.17 8.00 -14.95
N GLN A 29 -32.64 7.18 -15.88
CA GLN A 29 -31.70 6.53 -16.80
C GLN A 29 -30.91 7.58 -17.58
N ALA A 30 -31.58 8.61 -18.09
CA ALA A 30 -30.91 9.65 -18.85
C ALA A 30 -29.84 10.33 -18.00
N ALA A 31 -30.13 10.57 -16.71
CA ALA A 31 -29.13 11.14 -15.81
C ALA A 31 -27.93 10.20 -15.68
N ARG A 32 -28.18 8.92 -15.48
CA ARG A 32 -27.09 7.96 -15.36
C ARG A 32 -26.24 7.94 -16.63
N LYS A 33 -26.84 8.12 -17.81
CA LYS A 33 -26.05 8.13 -19.03
C LYS A 33 -25.22 9.41 -19.14
N LEU A 34 -25.78 10.56 -18.74
CA LEU A 34 -24.99 11.79 -18.63
C LEU A 34 -23.79 11.61 -17.70
N LEU A 35 -24.05 11.09 -16.48
CA LEU A 35 -23.00 10.90 -15.48
C LEU A 35 -22.02 9.80 -15.84
N SER A 36 -22.31 8.99 -16.86
CA SER A 36 -21.43 7.89 -17.27
C SER A 36 -20.51 8.25 -18.42
N ARG A 37 -20.59 9.46 -18.96
CA ARG A 37 -19.74 9.78 -20.09
C ARG A 37 -18.33 10.13 -19.59
N GLU A 38 -17.34 9.89 -20.45
CA GLU A 38 -15.95 10.01 -20.01
C GLU A 38 -15.43 11.45 -20.03
N LYS A 39 -15.85 12.28 -21.01
CA LYS A 39 -15.41 13.68 -21.03
C LYS A 39 -16.29 14.47 -20.07
N GLN A 40 -15.72 14.85 -18.94
CA GLN A 40 -16.29 15.78 -17.97
C GLN A 40 -17.78 15.60 -17.73
N PRO A 41 -18.19 14.55 -17.01
CA PRO A 41 -19.62 14.38 -16.71
C PRO A 41 -20.11 15.50 -15.81
N PRO A 42 -21.31 15.98 -16.03
CA PRO A 42 -21.78 17.19 -15.31
C PRO A 42 -22.24 16.89 -13.89
N ILE A 43 -21.30 16.42 -13.05
CA ILE A 43 -21.64 16.05 -11.68
C ILE A 43 -22.18 17.26 -10.92
N ASP A 44 -21.48 18.40 -11.00
CA ASP A 44 -21.92 19.56 -10.22
C ASP A 44 -23.27 20.09 -10.71
N ASN A 45 -23.57 20.00 -12.02
CA ASN A 45 -24.87 20.45 -12.50
C ASN A 45 -25.99 19.56 -11.97
N ILE A 46 -25.76 18.25 -11.95
CA ILE A 46 -26.74 17.33 -11.39
C ILE A 46 -26.98 17.63 -9.91
N ILE A 47 -25.90 17.86 -9.15
CA ILE A 47 -26.08 18.18 -7.73
C ILE A 47 -26.88 19.48 -7.57
N ARG A 48 -26.54 20.51 -8.35
CA ARG A 48 -27.22 21.81 -8.20
C ARG A 48 -28.71 21.72 -8.50
N ALA A 49 -29.10 20.84 -9.43
CA ALA A 49 -30.51 20.72 -9.70
C ALA A 49 -31.26 19.99 -8.62
N GLY A 50 -30.65 19.67 -7.49
CA GLY A 50 -31.34 18.98 -6.41
C GLY A 50 -31.77 17.55 -6.69
N LEU A 51 -31.04 16.82 -7.54
CA LEU A 51 -31.50 15.47 -7.90
C LEU A 51 -31.14 14.42 -6.85
N ILE A 52 -30.05 14.63 -6.10
CA ILE A 52 -29.58 13.60 -5.14
C ILE A 52 -30.67 13.11 -4.21
N PRO A 53 -31.46 13.96 -3.54
CA PRO A 53 -32.52 13.41 -2.67
C PRO A 53 -33.54 12.55 -3.41
N LYS A 54 -33.77 12.83 -4.69
CA LYS A 54 -34.69 12.03 -5.48
C LYS A 54 -34.08 10.66 -5.80
N PHE A 55 -32.83 10.66 -6.29
CA PHE A 55 -32.11 9.41 -6.51
C PHE A 55 -32.10 8.56 -5.25
N VAL A 56 -31.83 9.19 -4.09
CA VAL A 56 -31.77 8.45 -2.84
C VAL A 56 -33.12 7.82 -2.55
N SER A 57 -34.21 8.57 -2.75
CA SER A 57 -35.50 7.97 -2.46
C SER A 57 -35.90 6.92 -3.48
N PHE A 58 -35.37 7.00 -4.71
CA PHE A 58 -35.61 5.93 -5.69
C PHE A 58 -34.90 4.64 -5.28
N LEU A 59 -33.85 4.73 -4.47
CA LEU A 59 -33.20 3.51 -3.97
C LEU A 59 -34.15 2.66 -3.13
N GLY A 60 -35.12 3.29 -2.44
CA GLY A 60 -36.02 2.52 -1.62
C GLY A 60 -37.22 1.91 -2.34
N LYS A 61 -37.31 2.03 -3.67
CA LYS A 61 -38.49 1.56 -4.41
C LYS A 61 -38.32 0.11 -4.81
N THR A 62 -38.53 -0.77 -3.83
CA THR A 62 -38.50 -2.23 -4.03
C THR A 62 -39.45 -2.66 -5.13
N ASP A 63 -40.54 -1.92 -5.30
CA ASP A 63 -41.56 -2.20 -6.31
C ASP A 63 -41.03 -2.04 -7.74
N CYS A 64 -39.98 -1.21 -7.94
CA CYS A 64 -39.50 -0.85 -9.28
C CYS A 64 -37.97 -0.98 -9.33
N SER A 65 -37.48 -2.22 -9.42
CA SER A 65 -36.05 -2.43 -9.37
C SER A 65 -35.27 -1.73 -10.48
N PRO A 66 -35.81 -1.48 -11.69
CA PRO A 66 -34.99 -0.72 -12.66
C PRO A 66 -34.67 0.70 -12.20
N ILE A 67 -35.57 1.38 -11.48
CA ILE A 67 -35.21 2.72 -11.04
C ILE A 67 -34.26 2.66 -9.86
N GLN A 68 -34.34 1.60 -9.05
CA GLN A 68 -33.32 1.33 -8.04
C GLN A 68 -31.94 1.23 -8.67
N PHE A 69 -31.83 0.43 -9.73
CA PHE A 69 -30.54 0.25 -10.39
C PHE A 69 -30.07 1.54 -11.05
N GLU A 70 -30.96 2.27 -11.73
CA GLU A 70 -30.52 3.48 -12.43
C GLU A 70 -30.07 4.57 -11.44
N SER A 71 -30.81 4.74 -10.34
CA SER A 71 -30.37 5.76 -9.41
C SER A 71 -29.16 5.30 -8.59
N ALA A 72 -29.04 4.01 -8.28
CA ALA A 72 -27.81 3.51 -7.65
C ALA A 72 -26.60 3.85 -8.50
N TRP A 73 -26.73 3.67 -9.81
CA TRP A 73 -25.61 3.87 -10.70
C TRP A 73 -25.31 5.36 -10.85
N ALA A 74 -26.36 6.18 -10.94
CA ALA A 74 -26.16 7.62 -11.01
C ALA A 74 -25.47 8.13 -9.77
N LEU A 75 -25.90 7.66 -8.59
CA LEU A 75 -25.29 8.09 -7.33
C LEU A 75 -23.87 7.54 -7.19
N THR A 76 -23.64 6.32 -7.67
CA THR A 76 -22.27 5.81 -7.70
C THR A 76 -21.35 6.76 -8.43
N ASN A 77 -21.79 7.26 -9.59
CA ASN A 77 -20.90 8.09 -10.39
C ASN A 77 -20.72 9.47 -9.77
N ILE A 78 -21.75 10.02 -9.13
CA ILE A 78 -21.56 11.26 -8.37
C ILE A 78 -20.54 11.02 -7.24
N ALA A 79 -20.72 9.93 -6.49
CA ALA A 79 -19.84 9.64 -5.37
C ALA A 79 -18.41 9.37 -5.81
N SER A 80 -18.17 9.11 -7.09
CA SER A 80 -16.81 8.85 -7.54
C SER A 80 -16.03 10.14 -7.79
N GLY A 81 -16.65 11.31 -7.59
CA GLY A 81 -15.99 12.57 -7.87
C GLY A 81 -15.14 13.09 -6.73
N THR A 82 -15.19 14.40 -6.50
CA THR A 82 -14.41 15.01 -5.44
C THR A 82 -15.00 14.68 -4.07
N SER A 83 -14.22 14.94 -3.02
CA SER A 83 -14.72 14.78 -1.65
C SER A 83 -16.03 15.52 -1.47
N GLU A 84 -16.09 16.76 -1.95
CA GLU A 84 -17.32 17.54 -1.85
C GLU A 84 -18.48 16.85 -2.56
N GLN A 85 -18.22 16.22 -3.70
CA GLN A 85 -19.29 15.52 -4.42
C GLN A 85 -19.70 14.24 -3.68
N THR A 86 -18.73 13.50 -3.13
CA THR A 86 -19.06 12.33 -2.35
C THR A 86 -19.83 12.73 -1.09
N LYS A 87 -19.46 13.87 -0.49
CA LYS A 87 -20.20 14.33 0.69
C LYS A 87 -21.67 14.60 0.35
N ALA A 88 -21.94 15.14 -0.84
CA ALA A 88 -23.34 15.40 -1.23
C ALA A 88 -24.16 14.11 -1.26
N VAL A 89 -23.56 13.01 -1.75
CA VAL A 89 -24.27 11.74 -1.79
C VAL A 89 -24.53 11.24 -0.38
N VAL A 90 -23.51 11.35 0.49
CA VAL A 90 -23.68 10.94 1.88
C VAL A 90 -24.73 11.82 2.56
N ASP A 91 -24.67 13.15 2.34
CA ASP A 91 -25.61 14.04 3.01
C ASP A 91 -27.04 13.77 2.57
N GLY A 92 -27.24 13.25 1.35
CA GLY A 92 -28.56 12.80 0.93
C GLY A 92 -29.12 11.59 1.66
N GLY A 93 -28.39 10.97 2.59
CA GLY A 93 -28.86 9.72 3.19
C GLY A 93 -28.55 8.46 2.41
N ALA A 94 -27.55 8.49 1.51
CA ALA A 94 -27.35 7.35 0.62
C ALA A 94 -26.79 6.12 1.34
N ILE A 95 -25.98 6.31 2.40
CA ILE A 95 -25.31 5.17 3.02
C ILE A 95 -26.30 4.10 3.50
N PRO A 96 -27.31 4.41 4.33
CA PRO A 96 -28.22 3.34 4.75
C PRO A 96 -29.03 2.76 3.59
N ALA A 97 -29.33 3.57 2.59
CA ALA A 97 -30.11 3.08 1.45
C ALA A 97 -29.29 2.11 0.61
N PHE A 98 -28.00 2.41 0.44
CA PHE A 98 -27.12 1.46 -0.24
C PHE A 98 -26.92 0.19 0.57
N ILE A 99 -26.90 0.29 1.89
CA ILE A 99 -26.69 -0.93 2.67
C ILE A 99 -27.91 -1.84 2.56
N SER A 100 -29.12 -1.25 2.51
CA SER A 100 -30.33 -2.04 2.30
C SER A 100 -30.32 -2.75 0.97
N LEU A 101 -29.70 -2.15 -0.05
CA LEU A 101 -29.64 -2.77 -1.36
C LEU A 101 -28.64 -3.93 -1.44
N LEU A 102 -27.78 -4.09 -0.42
CA LEU A 102 -26.83 -5.21 -0.50
C LEU A 102 -27.55 -6.55 -0.54
N ALA A 103 -28.72 -6.64 0.10
CA ALA A 103 -29.51 -7.87 0.15
C ALA A 103 -30.45 -8.04 -1.05
N SER A 104 -30.38 -7.17 -2.04
CA SER A 104 -31.34 -7.21 -3.13
C SER A 104 -31.30 -8.56 -3.85
N PRO A 105 -32.45 -9.07 -4.31
CA PRO A 105 -32.45 -10.31 -5.12
C PRO A 105 -31.81 -10.13 -6.49
N HIS A 106 -31.56 -8.90 -6.91
CA HIS A 106 -31.01 -8.63 -8.23
C HIS A 106 -29.51 -8.39 -8.08
N ALA A 107 -28.71 -9.35 -8.55
CA ALA A 107 -27.27 -9.28 -8.33
C ALA A 107 -26.67 -8.01 -8.92
N HIS A 108 -27.21 -7.49 -10.02
CA HIS A 108 -26.65 -6.26 -10.58
C HIS A 108 -27.00 -5.01 -9.77
N ILE A 109 -28.04 -5.06 -8.94
CA ILE A 109 -28.34 -3.96 -8.03
C ILE A 109 -27.50 -4.07 -6.78
N SER A 110 -27.40 -5.29 -6.24
CA SER A 110 -26.45 -5.60 -5.18
C SER A 110 -25.07 -5.08 -5.53
N GLU A 111 -24.58 -5.41 -6.73
CA GLU A 111 -23.22 -5.06 -7.11
C GLU A 111 -23.02 -3.56 -7.19
N GLN A 112 -23.98 -2.83 -7.78
CA GLN A 112 -23.90 -1.37 -7.81
C GLN A 112 -23.79 -0.81 -6.40
N ALA A 113 -24.57 -1.35 -5.47
CA ALA A 113 -24.51 -0.86 -4.09
C ALA A 113 -23.14 -1.14 -3.47
N VAL A 114 -22.56 -2.33 -3.73
CA VAL A 114 -21.18 -2.59 -3.30
C VAL A 114 -20.25 -1.51 -3.84
N TRP A 115 -20.31 -1.29 -5.16
CA TRP A 115 -19.47 -0.29 -5.81
C TRP A 115 -19.64 1.09 -5.16
N ALA A 116 -20.89 1.54 -5.01
CA ALA A 116 -21.19 2.84 -4.41
C ALA A 116 -20.61 2.95 -2.99
N LEU A 117 -20.78 1.92 -2.16
CA LEU A 117 -20.18 1.95 -0.83
C LEU A 117 -18.67 1.96 -0.90
N GLY A 118 -18.08 1.31 -1.92
CA GLY A 118 -16.64 1.43 -2.11
C GLY A 118 -16.19 2.86 -2.38
N ASN A 119 -16.94 3.59 -3.22
CA ASN A 119 -16.55 4.98 -3.49
C ASN A 119 -16.64 5.84 -2.24
N ILE A 120 -17.72 5.65 -1.47
CA ILE A 120 -17.89 6.44 -0.26
C ILE A 120 -16.79 6.14 0.75
N ALA A 121 -16.58 4.85 1.03
CA ALA A 121 -15.49 4.49 1.95
C ALA A 121 -14.14 5.00 1.44
N GLY A 122 -13.94 4.96 0.13
CA GLY A 122 -12.67 5.37 -0.47
C GLY A 122 -12.35 6.84 -0.26
N ASP A 123 -13.33 7.65 0.16
CA ASP A 123 -13.05 9.06 0.34
C ASP A 123 -12.08 9.32 1.48
N GLY A 124 -12.08 8.48 2.50
CA GLY A 124 -11.21 8.71 3.64
C GLY A 124 -11.75 8.04 4.89
N SER A 125 -10.99 8.22 5.97
CA SER A 125 -11.23 7.48 7.20
C SER A 125 -12.61 7.80 7.80
N ALA A 126 -13.06 9.05 7.72
CA ALA A 126 -14.34 9.43 8.33
C ALA A 126 -15.52 8.76 7.62
N PHE A 127 -15.61 8.87 6.29
CA PHE A 127 -16.68 8.16 5.62
C PHE A 127 -16.50 6.64 5.72
N ARG A 128 -15.25 6.16 5.72
CA ARG A 128 -14.99 4.74 5.90
C ARG A 128 -15.62 4.25 7.19
N ASP A 129 -15.40 4.98 8.28
CA ASP A 129 -15.95 4.57 9.57
C ASP A 129 -17.44 4.80 9.65
N LEU A 130 -17.99 5.72 8.85
CA LEU A 130 -19.43 5.95 8.88
C LEU A 130 -20.17 4.82 8.17
N VAL A 131 -19.60 4.34 7.06
CA VAL A 131 -20.12 3.16 6.40
C VAL A 131 -20.12 1.96 7.34
N ILE A 132 -19.05 1.84 8.13
CA ILE A 132 -18.97 0.74 9.08
C ILE A 132 -20.03 0.88 10.18
N LYS A 133 -20.20 2.09 10.71
CA LYS A 133 -21.19 2.28 11.78
C LYS A 133 -22.60 2.00 11.28
N HIS A 134 -22.90 2.32 10.03
CA HIS A 134 -24.22 1.98 9.50
C HIS A 134 -24.38 0.48 9.29
N GLY A 135 -23.34 -0.32 9.53
CA GLY A 135 -23.46 -1.76 9.48
C GLY A 135 -23.22 -2.40 8.13
N ALA A 136 -22.32 -1.86 7.31
CA ALA A 136 -22.15 -2.41 5.97
C ALA A 136 -21.43 -3.75 5.96
N ILE A 137 -20.66 -4.07 6.99
CA ILE A 137 -19.73 -5.18 6.89
C ILE A 137 -20.46 -6.52 6.85
N ASP A 138 -21.44 -6.72 7.75
CA ASP A 138 -22.20 -7.97 7.76
C ASP A 138 -22.84 -8.28 6.42
N PRO A 139 -23.66 -7.40 5.84
CA PRO A 139 -24.24 -7.73 4.53
C PRO A 139 -23.19 -7.94 3.45
N LEU A 140 -22.08 -7.20 3.48
CA LEU A 140 -21.05 -7.41 2.47
C LEU A 140 -20.44 -8.80 2.58
N LEU A 141 -20.05 -9.21 3.79
CA LEU A 141 -19.44 -10.53 3.97
C LEU A 141 -20.43 -11.64 3.68
N ALA A 142 -21.72 -11.38 3.89
CA ALA A 142 -22.74 -12.38 3.59
C ALA A 142 -22.78 -12.67 2.10
N LEU A 143 -22.43 -11.69 1.27
CA LEU A 143 -22.44 -11.93 -0.18
C LEU A 143 -21.34 -12.89 -0.59
N LEU A 144 -20.34 -13.12 0.27
CA LEU A 144 -19.25 -14.05 0.03
C LEU A 144 -19.42 -15.35 0.80
N ALA A 145 -20.59 -15.59 1.40
CA ALA A 145 -20.78 -16.80 2.23
C ALA A 145 -21.33 -17.92 1.35
N VAL A 146 -20.48 -18.37 0.44
CA VAL A 146 -20.78 -19.46 -0.49
C VAL A 146 -19.65 -20.49 -0.39
N PRO A 147 -19.94 -21.77 -0.72
CA PRO A 147 -18.89 -22.79 -0.55
C PRO A 147 -17.66 -22.54 -1.41
N ASP A 148 -17.83 -22.04 -2.64
CA ASP A 148 -16.72 -21.87 -3.57
C ASP A 148 -16.88 -20.54 -4.28
N LEU A 149 -15.93 -19.62 -4.03
CA LEU A 149 -15.97 -18.29 -4.63
C LEU A 149 -16.03 -18.33 -6.15
N SER A 150 -15.57 -19.42 -6.77
CA SER A 150 -15.57 -19.52 -8.23
C SER A 150 -16.97 -19.41 -8.83
N THR A 151 -18.00 -19.76 -8.07
CA THR A 151 -19.35 -19.70 -8.62
C THR A 151 -19.89 -18.28 -8.70
N LEU A 152 -19.22 -17.32 -8.07
CA LEU A 152 -19.61 -15.92 -8.19
C LEU A 152 -19.07 -15.35 -9.48
N ALA A 153 -19.84 -14.45 -10.08
CA ALA A 153 -19.35 -13.78 -11.28
C ALA A 153 -18.07 -13.01 -10.96
N CYS A 154 -17.08 -13.16 -11.83
CA CYS A 154 -15.79 -12.51 -11.68
C CYS A 154 -15.91 -11.01 -11.39
N GLY A 155 -16.69 -10.29 -12.19
CA GLY A 155 -16.83 -8.85 -11.98
C GLY A 155 -17.38 -8.52 -10.61
N TYR A 156 -18.43 -9.24 -10.19
CA TYR A 156 -19.01 -9.09 -8.86
C TYR A 156 -17.97 -9.31 -7.78
N LEU A 157 -17.20 -10.39 -7.88
CA LEU A 157 -16.25 -10.72 -6.81
C LEU A 157 -15.11 -9.73 -6.73
N ARG A 158 -14.61 -9.25 -7.87
CA ARG A 158 -13.60 -8.19 -7.86
C ARG A 158 -14.12 -6.93 -7.20
N ASN A 159 -15.38 -6.57 -7.46
CA ASN A 159 -15.91 -5.34 -6.87
C ASN A 159 -16.05 -5.48 -5.36
N LEU A 160 -16.58 -6.61 -4.89
CA LEU A 160 -16.66 -6.83 -3.45
C LEU A 160 -15.29 -6.78 -2.82
N THR A 161 -14.28 -7.41 -3.44
CA THR A 161 -12.94 -7.40 -2.87
C THR A 161 -12.41 -5.98 -2.80
N TRP A 162 -12.59 -5.22 -3.88
CA TRP A 162 -12.14 -3.84 -3.89
C TRP A 162 -12.81 -3.03 -2.79
N THR A 163 -14.10 -3.21 -2.56
CA THR A 163 -14.78 -2.41 -1.54
C THR A 163 -14.32 -2.80 -0.13
N LEU A 164 -14.10 -4.11 0.11
CA LEU A 164 -13.54 -4.50 1.40
C LEU A 164 -12.15 -3.89 1.61
N SER A 165 -11.36 -3.78 0.54
CA SER A 165 -10.05 -3.13 0.64
C SER A 165 -10.17 -1.70 1.14
N ASN A 166 -11.07 -0.90 0.53
CA ASN A 166 -11.24 0.46 1.02
C ASN A 166 -11.70 0.48 2.47
N LEU A 167 -12.46 -0.52 2.92
CA LEU A 167 -12.84 -0.56 4.33
C LEU A 167 -11.65 -0.85 5.23
N CYS A 168 -10.60 -1.46 4.71
CA CYS A 168 -9.36 -1.71 5.42
C CYS A 168 -8.34 -0.59 5.28
N ARG A 169 -8.66 0.45 4.53
CA ARG A 169 -7.71 1.43 4.04
C ARG A 169 -7.65 2.71 4.89
N ASN A 170 -6.50 3.39 4.81
CA ASN A 170 -6.25 4.73 5.32
C ASN A 170 -6.05 4.73 6.82
N LYS A 171 -5.46 5.81 7.32
CA LYS A 171 -4.96 5.90 8.69
C LYS A 171 -5.40 7.21 9.32
N ASN A 172 -5.01 7.40 10.58
CA ASN A 172 -5.38 8.57 11.37
C ASN A 172 -6.88 8.89 11.34
N PRO A 173 -7.72 7.99 11.87
CA PRO A 173 -7.35 6.70 12.48
C PRO A 173 -7.38 5.54 11.49
N ALA A 174 -6.72 4.46 11.87
CA ALA A 174 -6.83 3.18 11.20
C ALA A 174 -8.24 2.63 11.44
N PRO A 175 -8.66 1.61 10.70
CA PRO A 175 -10.02 1.10 10.87
C PRO A 175 -10.21 0.52 12.27
N PRO A 176 -11.44 0.53 12.79
CA PRO A 176 -11.69 -0.04 14.12
C PRO A 176 -11.24 -1.48 14.22
N LEU A 177 -10.61 -1.81 15.35
CA LEU A 177 -10.07 -3.15 15.58
C LEU A 177 -11.10 -4.25 15.37
N ASP A 178 -12.31 -4.07 15.92
CA ASP A 178 -13.38 -5.05 15.76
C ASP A 178 -13.77 -5.25 14.30
N ALA A 179 -13.77 -4.17 13.51
CA ALA A 179 -14.07 -4.31 12.08
C ALA A 179 -12.98 -5.10 11.35
N VAL A 180 -11.71 -4.81 11.66
CA VAL A 180 -10.59 -5.56 11.07
C VAL A 180 -10.75 -7.06 11.38
N GLU A 181 -11.03 -7.38 12.65
CA GLU A 181 -11.25 -8.76 13.04
C GLU A 181 -12.44 -9.38 12.31
N GLN A 182 -13.46 -8.58 12.02
CA GLN A 182 -14.63 -9.10 11.32
C GLN A 182 -14.30 -9.42 9.87
N ILE A 183 -13.46 -8.60 9.23
CA ILE A 183 -13.15 -8.75 7.83
C ILE A 183 -12.03 -9.75 7.55
N LEU A 184 -11.05 -9.86 8.45
CA LEU A 184 -9.84 -10.65 8.21
C LEU A 184 -10.12 -12.07 7.72
N PRO A 185 -11.00 -12.86 8.36
CA PRO A 185 -11.19 -14.24 7.87
C PRO A 185 -11.65 -14.30 6.43
N THR A 186 -12.45 -13.33 5.98
CA THR A 186 -12.84 -13.33 4.57
C THR A 186 -11.64 -12.97 3.69
N LEU A 187 -10.88 -11.95 4.11
CA LEU A 187 -9.66 -11.58 3.41
C LEU A 187 -8.71 -12.77 3.26
N VAL A 188 -8.58 -13.58 4.29
CA VAL A 188 -7.73 -14.76 4.20
C VAL A 188 -8.23 -15.67 3.08
N ARG A 189 -9.54 -15.87 3.02
CA ARG A 189 -10.09 -16.71 1.97
C ARG A 189 -9.84 -16.12 0.57
N LEU A 190 -10.08 -14.81 0.40
CA LEU A 190 -9.85 -14.17 -0.88
C LEU A 190 -8.39 -14.26 -1.31
N LEU A 191 -7.46 -14.27 -0.34
CA LEU A 191 -6.03 -14.34 -0.60
C LEU A 191 -5.62 -15.66 -1.24
N HIS A 192 -6.51 -16.66 -1.24
CA HIS A 192 -6.30 -17.93 -1.92
C HIS A 192 -7.14 -18.09 -3.18
N HIS A 193 -7.89 -17.06 -3.58
CA HIS A 193 -8.65 -17.14 -4.81
C HIS A 193 -7.74 -16.98 -6.02
N ASN A 194 -8.11 -17.60 -7.14
CA ASN A 194 -7.17 -17.69 -8.27
C ASN A 194 -7.11 -16.44 -9.15
N ASP A 195 -8.07 -15.52 -9.06
CA ASP A 195 -8.15 -14.37 -9.97
C ASP A 195 -7.10 -13.32 -9.60
N PRO A 196 -6.29 -12.84 -10.53
CA PRO A 196 -5.21 -11.92 -10.14
C PRO A 196 -5.70 -10.58 -9.60
N GLU A 197 -6.87 -10.10 -10.03
CA GLU A 197 -7.35 -8.83 -9.48
C GLU A 197 -7.83 -9.00 -8.05
N VAL A 198 -8.51 -10.10 -7.74
CA VAL A 198 -8.88 -10.37 -6.36
C VAL A 198 -7.62 -10.47 -5.50
N LEU A 199 -6.61 -11.20 -5.99
CA LEU A 199 -5.37 -11.38 -5.22
C LEU A 199 -4.68 -10.05 -5.00
N ALA A 200 -4.56 -9.25 -6.06
CA ALA A 200 -3.95 -7.93 -5.89
C ALA A 200 -4.66 -7.12 -4.82
N ASP A 201 -5.99 -7.04 -4.88
CA ASP A 201 -6.68 -6.17 -3.93
C ASP A 201 -6.65 -6.73 -2.52
N SER A 202 -6.65 -8.06 -2.40
CA SER A 202 -6.55 -8.69 -1.08
C SER A 202 -5.20 -8.36 -0.45
N CYS A 203 -4.12 -8.49 -1.23
CA CYS A 203 -2.80 -8.09 -0.75
C CYS A 203 -2.80 -6.62 -0.35
N TRP A 204 -3.41 -5.76 -1.16
CA TRP A 204 -3.46 -4.35 -0.80
C TRP A 204 -4.14 -4.16 0.55
N ALA A 205 -5.22 -4.91 0.81
CA ALA A 205 -5.92 -4.79 2.09
C ALA A 205 -5.00 -5.21 3.23
N ILE A 206 -4.31 -6.35 3.06
CA ILE A 206 -3.37 -6.79 4.07
C ILE A 206 -2.27 -5.75 4.27
N SER A 207 -1.81 -5.13 3.18
CA SER A 207 -0.76 -4.12 3.32
C SER A 207 -1.27 -2.91 4.09
N TYR A 208 -2.53 -2.52 3.91
CA TYR A 208 -3.09 -1.44 4.73
C TYR A 208 -3.14 -1.83 6.19
N LEU A 209 -3.59 -3.06 6.48
CA LEU A 209 -3.80 -3.49 7.85
C LEU A 209 -2.49 -3.67 8.61
N THR A 210 -1.41 -4.05 7.92
CA THR A 210 -0.11 -4.26 8.54
C THR A 210 0.69 -2.98 8.69
N ASP A 211 0.23 -1.87 8.11
CA ASP A 211 0.95 -0.61 8.20
C ASP A 211 0.48 0.16 9.44
N GLY A 212 0.86 -0.36 10.60
CA GLY A 212 0.58 0.31 11.85
C GLY A 212 1.37 -0.27 12.99
N PRO A 213 0.88 -0.06 14.21
CA PRO A 213 1.58 -0.57 15.39
C PRO A 213 1.57 -2.09 15.43
N ASN A 214 2.53 -2.65 16.17
CA ASN A 214 2.83 -4.08 16.09
C ASN A 214 1.65 -4.97 16.47
N GLU A 215 0.67 -4.46 17.22
CA GLU A 215 -0.48 -5.31 17.56
C GLU A 215 -1.42 -5.45 16.38
N ARG A 216 -1.43 -4.46 15.49
CA ARG A 216 -2.12 -4.63 14.22
C ARG A 216 -1.44 -5.69 13.37
N ILE A 217 -0.11 -5.63 13.26
CA ILE A 217 0.64 -6.65 12.55
C ILE A 217 0.31 -8.03 13.10
N GLU A 218 0.13 -8.11 14.43
CA GLU A 218 -0.06 -9.40 15.09
C GLU A 218 -1.41 -10.01 14.76
N MET A 219 -2.48 -9.21 14.71
CA MET A 219 -3.77 -9.79 14.39
C MET A 219 -3.81 -10.29 12.95
N VAL A 220 -2.99 -9.71 12.07
CA VAL A 220 -2.87 -10.25 10.72
C VAL A 220 -2.03 -11.52 10.72
N VAL A 221 -0.81 -11.41 11.26
CA VAL A 221 0.07 -12.56 11.36
C VAL A 221 -0.63 -13.72 12.06
N LYS A 222 -1.49 -13.43 13.04
CA LYS A 222 -2.18 -14.49 13.78
C LYS A 222 -3.06 -15.35 12.88
N LYS A 223 -3.53 -14.81 11.76
CA LYS A 223 -4.36 -15.57 10.82
C LYS A 223 -3.56 -16.51 9.93
N GLY A 224 -2.22 -16.49 10.03
CA GLY A 224 -1.39 -17.42 9.27
C GLY A 224 -1.24 -17.13 7.79
N VAL A 225 -1.35 -15.86 7.38
CA VAL A 225 -1.29 -15.52 5.95
C VAL A 225 0.13 -15.37 5.44
N VAL A 226 1.13 -15.28 6.33
CA VAL A 226 2.49 -14.96 5.87
C VAL A 226 3.01 -15.96 4.85
N PRO A 227 2.84 -17.27 5.00
CA PRO A 227 3.23 -18.17 3.90
C PRO A 227 2.55 -17.84 2.58
N GLN A 228 1.25 -17.52 2.60
CA GLN A 228 0.57 -17.21 1.35
C GLN A 228 1.09 -15.90 0.75
N LEU A 229 1.39 -14.91 1.59
CA LEU A 229 1.97 -13.66 1.10
C LEU A 229 3.35 -13.89 0.48
N VAL A 230 4.17 -14.75 1.10
CA VAL A 230 5.46 -15.11 0.52
C VAL A 230 5.28 -15.74 -0.85
N LYS A 231 4.33 -16.67 -0.98
CA LYS A 231 4.05 -17.26 -2.28
C LYS A 231 3.63 -16.20 -3.30
N LEU A 232 2.75 -15.28 -2.89
CA LEU A 232 2.35 -14.20 -3.80
C LEU A 232 3.53 -13.31 -4.14
N LEU A 233 4.49 -13.21 -3.22
CA LEU A 233 5.68 -12.44 -3.48
C LEU A 233 6.43 -12.96 -4.71
N GLY A 234 6.27 -14.24 -5.01
CA GLY A 234 6.90 -14.77 -6.19
C GLY A 234 6.05 -14.82 -7.44
N ALA A 235 4.88 -14.19 -7.45
CA ALA A 235 4.03 -14.21 -8.63
C ALA A 235 4.72 -13.54 -9.83
N THR A 236 4.26 -13.88 -11.03
CA THR A 236 4.79 -13.20 -12.20
C THR A 236 4.11 -11.86 -12.45
N GLU A 237 2.89 -11.67 -11.94
CA GLU A 237 2.15 -10.42 -12.14
C GLU A 237 2.63 -9.38 -11.13
N LEU A 238 3.23 -8.31 -11.65
CA LEU A 238 3.67 -7.23 -10.78
C LEU A 238 2.53 -6.54 -10.03
N PRO A 239 1.29 -6.48 -10.54
CA PRO A 239 0.20 -5.94 -9.68
C PRO A 239 -0.07 -6.78 -8.44
N ILE A 240 0.38 -8.03 -8.40
CA ILE A 240 0.29 -8.84 -7.19
C ILE A 240 1.54 -8.70 -6.34
N VAL A 241 2.72 -8.77 -6.97
CA VAL A 241 3.98 -8.62 -6.25
C VAL A 241 4.03 -7.32 -5.46
N THR A 242 3.59 -6.22 -6.07
CA THR A 242 3.74 -4.92 -5.41
C THR A 242 3.02 -4.86 -4.06
N PRO A 243 1.73 -5.18 -3.94
CA PRO A 243 1.13 -5.14 -2.59
C PRO A 243 1.61 -6.27 -1.69
N ALA A 244 1.91 -7.46 -2.23
CA ALA A 244 2.46 -8.51 -1.39
C ALA A 244 3.76 -8.07 -0.74
N LEU A 245 4.63 -7.42 -1.51
CA LEU A 245 5.91 -6.97 -0.98
C LEU A 245 5.71 -5.87 0.06
N ARG A 246 4.73 -5.00 -0.12
CA ARG A 246 4.52 -3.99 0.89
C ARG A 246 3.98 -4.59 2.18
N ALA A 247 3.11 -5.58 2.06
CA ALA A 247 2.64 -6.31 3.24
C ALA A 247 3.81 -6.95 3.98
N ILE A 248 4.65 -7.71 3.25
CA ILE A 248 5.82 -8.32 3.86
C ILE A 248 6.72 -7.27 4.50
N GLY A 249 6.97 -6.17 3.80
CA GLY A 249 7.78 -5.10 4.36
C GLY A 249 7.17 -4.49 5.61
N ASN A 250 5.83 -4.37 5.63
CA ASN A 250 5.16 -3.85 6.82
C ASN A 250 5.36 -4.81 7.99
N ILE A 251 5.18 -6.10 7.74
CA ILE A 251 5.28 -7.08 8.82
C ILE A 251 6.68 -7.07 9.44
N VAL A 252 7.73 -6.88 8.65
CA VAL A 252 9.06 -6.90 9.25
C VAL A 252 9.42 -5.61 9.94
N THR A 253 8.53 -4.60 9.94
CA THR A 253 8.72 -3.46 10.85
C THR A 253 8.39 -3.82 12.29
N GLY A 254 7.79 -4.99 12.53
CA GLY A 254 7.32 -5.37 13.84
C GLY A 254 8.39 -5.97 14.73
N THR A 255 8.04 -6.99 15.52
CA THR A 255 9.03 -7.54 16.43
C THR A 255 9.97 -8.50 15.71
N ASP A 256 11.02 -8.89 16.43
CA ASP A 256 11.91 -9.94 15.96
C ASP A 256 11.13 -11.22 15.68
N GLU A 257 10.08 -11.48 16.47
CA GLU A 257 9.34 -12.73 16.29
C GLU A 257 8.43 -12.66 15.08
N GLN A 258 7.86 -11.47 14.79
CA GLN A 258 7.08 -11.31 13.57
C GLN A 258 7.98 -11.35 12.34
N THR A 259 9.17 -10.74 12.44
CA THR A 259 10.12 -10.77 11.34
C THR A 259 10.58 -12.19 11.04
N GLN A 260 10.88 -12.97 12.08
CA GLN A 260 11.26 -14.36 11.90
C GLN A 260 10.20 -15.15 11.14
N LYS A 261 8.93 -14.77 11.25
CA LYS A 261 7.89 -15.53 10.57
C LYS A 261 8.03 -15.41 9.06
N VAL A 262 8.40 -14.23 8.56
CA VAL A 262 8.52 -14.10 7.11
C VAL A 262 9.77 -14.82 6.62
N ILE A 263 10.86 -14.78 7.42
CA ILE A 263 12.05 -15.57 7.10
C ILE A 263 11.71 -17.06 7.04
N ASP A 264 11.05 -17.58 8.09
CA ASP A 264 10.73 -19.01 8.11
C ASP A 264 9.80 -19.41 6.98
N ALA A 265 8.93 -18.50 6.53
CA ALA A 265 8.07 -18.80 5.40
C ALA A 265 8.83 -18.83 4.08
N GLY A 266 10.10 -18.45 4.06
CA GLY A 266 10.94 -18.57 2.89
C GLY A 266 11.12 -17.30 2.07
N ALA A 267 10.85 -16.13 2.65
CA ALA A 267 10.87 -14.90 1.87
C ALA A 267 12.26 -14.59 1.34
N LEU A 268 13.29 -14.90 2.13
CA LEU A 268 14.63 -14.45 1.77
C LEU A 268 15.07 -14.97 0.41
N ALA A 269 14.56 -16.14 0.00
CA ALA A 269 14.92 -16.73 -1.28
C ALA A 269 14.36 -15.96 -2.48
N VAL A 270 13.38 -15.10 -2.27
CA VAL A 270 12.82 -14.33 -3.39
C VAL A 270 13.62 -13.05 -3.63
N PHE A 271 14.38 -12.62 -2.66
CA PHE A 271 15.05 -11.34 -2.77
C PHE A 271 16.18 -11.26 -3.80
N PRO A 272 16.80 -12.36 -4.24
CA PRO A 272 17.74 -12.19 -5.37
C PRO A 272 17.09 -11.57 -6.58
N SER A 273 15.86 -12.00 -6.92
CA SER A 273 15.19 -11.35 -8.03
C SER A 273 14.53 -10.04 -7.62
N LEU A 274 14.04 -9.92 -6.37
CA LEU A 274 13.42 -8.66 -5.97
C LEU A 274 14.45 -7.52 -5.92
N LEU A 275 15.66 -7.83 -5.48
CA LEU A 275 16.68 -6.78 -5.39
C LEU A 275 17.33 -6.47 -6.74
N THR A 276 16.96 -7.18 -7.81
CA THR A 276 17.36 -6.81 -9.17
C THR A 276 16.16 -6.57 -10.06
N ASN A 277 15.00 -6.33 -9.48
CA ASN A 277 13.77 -6.19 -10.27
C ASN A 277 13.85 -4.94 -11.15
N PRO A 278 13.49 -5.05 -12.43
CA PRO A 278 13.56 -3.87 -13.32
C PRO A 278 12.59 -2.77 -12.95
N LYS A 279 11.55 -3.08 -12.17
CA LYS A 279 10.59 -2.03 -11.84
C LYS A 279 11.06 -1.35 -10.57
N THR A 280 11.31 -0.05 -10.69
CA THR A 280 12.02 0.69 -9.64
C THR A 280 11.34 0.59 -8.27
N ASN A 281 10.01 0.75 -8.19
CA ASN A 281 9.39 0.72 -6.86
C ASN A 281 9.56 -0.64 -6.19
N ILE A 282 9.65 -1.74 -6.97
CA ILE A 282 9.86 -3.06 -6.36
C ILE A 282 11.24 -3.13 -5.74
N GLN A 283 12.24 -2.62 -6.44
CA GLN A 283 13.60 -2.67 -5.96
C GLN A 283 13.75 -1.84 -4.69
N LYS A 284 13.18 -0.63 -4.70
CA LYS A 284 13.17 0.26 -3.52
C LYS A 284 12.48 -0.40 -2.33
N GLU A 285 11.23 -0.85 -2.54
CA GLU A 285 10.49 -1.53 -1.48
C GLU A 285 11.25 -2.76 -0.97
N ALA A 286 11.85 -3.53 -1.88
CA ALA A 286 12.59 -4.72 -1.47
C ALA A 286 13.81 -4.36 -0.64
N THR A 287 14.48 -3.27 -0.99
CA THR A 287 15.66 -2.84 -0.24
C THR A 287 15.27 -2.27 1.12
N TRP A 288 14.23 -1.43 1.15
CA TRP A 288 13.68 -0.96 2.43
C TRP A 288 13.34 -2.15 3.31
N THR A 289 12.68 -3.16 2.74
CA THR A 289 12.39 -4.39 3.47
C THR A 289 13.67 -5.05 3.99
N MET A 290 14.71 -5.09 3.17
CA MET A 290 15.96 -5.69 3.63
C MET A 290 16.53 -4.90 4.80
N SER A 291 16.38 -3.58 4.77
CA SER A 291 16.96 -2.74 5.81
C SER A 291 16.33 -3.03 7.17
N ASN A 292 15.05 -3.35 7.19
CA ASN A 292 14.43 -3.73 8.45
C ASN A 292 14.79 -5.15 8.87
N ILE A 293 15.18 -6.01 7.93
CA ILE A 293 15.63 -7.33 8.34
C ILE A 293 17.05 -7.25 8.86
N THR A 294 17.89 -6.37 8.28
CA THR A 294 19.22 -6.24 8.85
C THR A 294 19.21 -5.47 10.17
N ALA A 295 18.07 -4.92 10.57
CA ALA A 295 17.89 -4.37 11.90
C ALA A 295 17.41 -5.44 12.88
N GLY A 296 17.32 -6.69 12.44
CA GLY A 296 16.95 -7.78 13.31
C GLY A 296 18.11 -8.27 14.17
N ARG A 297 17.89 -9.43 14.80
CA ARG A 297 18.92 -10.05 15.62
C ARG A 297 20.08 -10.51 14.75
N GLN A 298 21.15 -10.94 15.42
CA GLN A 298 22.33 -11.40 14.71
C GLN A 298 22.05 -12.68 13.95
N ASP A 299 21.25 -13.57 14.51
CA ASP A 299 20.92 -14.80 13.80
C ASP A 299 20.07 -14.54 12.57
N GLN A 300 19.33 -13.42 12.56
CA GLN A 300 18.60 -13.03 11.36
C GLN A 300 19.50 -12.37 10.35
N ILE A 301 20.48 -11.58 10.82
CA ILE A 301 21.54 -11.10 9.93
C ILE A 301 22.26 -12.28 9.29
N GLN A 302 22.46 -13.37 10.04
CA GLN A 302 23.17 -14.53 9.49
C GLN A 302 22.36 -15.21 8.41
N GLN A 303 21.03 -15.25 8.54
CA GLN A 303 20.24 -15.83 7.47
C GLN A 303 20.27 -14.96 6.21
N VAL A 304 20.40 -13.64 6.38
CA VAL A 304 20.61 -12.78 5.23
C VAL A 304 21.92 -13.15 4.54
N VAL A 305 22.97 -13.41 5.34
CA VAL A 305 24.26 -13.82 4.82
C VAL A 305 24.15 -15.17 4.11
N ASN A 306 23.50 -16.15 4.76
CA ASN A 306 23.46 -17.50 4.20
C ASN A 306 22.74 -17.53 2.87
N HIS A 307 21.73 -16.68 2.70
CA HIS A 307 20.98 -16.62 1.46
C HIS A 307 21.71 -15.87 0.37
N GLY A 308 22.92 -15.38 0.66
CA GLY A 308 23.72 -14.73 -0.36
C GLY A 308 23.22 -13.34 -0.72
N LEU A 309 22.54 -12.66 0.21
CA LEU A 309 21.89 -11.39 -0.14
C LEU A 309 22.82 -10.21 0.04
N VAL A 310 23.98 -10.39 0.69
CA VAL A 310 24.92 -9.28 0.86
C VAL A 310 25.45 -8.79 -0.49
N PRO A 311 25.91 -9.65 -1.40
CA PRO A 311 26.30 -9.13 -2.72
C PRO A 311 25.17 -8.42 -3.46
N PHE A 312 23.91 -8.80 -3.20
CA PHE A 312 22.83 -8.07 -3.85
C PHE A 312 22.70 -6.66 -3.29
N LEU A 313 22.95 -6.51 -1.97
CA LEU A 313 23.02 -5.17 -1.38
C LEU A 313 24.19 -4.37 -1.95
N VAL A 314 25.37 -5.00 -2.05
CA VAL A 314 26.49 -4.35 -2.72
C VAL A 314 26.07 -3.90 -4.12
N GLY A 315 25.33 -4.76 -4.84
CA GLY A 315 24.86 -4.41 -6.17
C GLY A 315 23.94 -3.20 -6.15
N VAL A 316 22.97 -3.19 -5.23
CA VAL A 316 22.05 -2.06 -5.17
C VAL A 316 22.79 -0.78 -4.78
N LEU A 317 23.73 -0.89 -3.83
CA LEU A 317 24.52 0.27 -3.45
C LEU A 317 25.37 0.79 -4.61
N SER A 318 25.84 -0.12 -5.48
CA SER A 318 26.68 0.28 -6.61
C SER A 318 25.90 0.99 -7.70
N LYS A 319 24.67 0.53 -7.98
CA LYS A 319 23.92 1.05 -9.11
C LYS A 319 22.44 0.78 -8.87
N ALA A 320 21.67 1.85 -8.73
CA ALA A 320 20.22 1.78 -8.60
C ALA A 320 19.72 3.22 -8.60
N ASP A 321 18.40 3.38 -8.70
CA ASP A 321 17.81 4.67 -8.43
C ASP A 321 18.29 5.15 -7.06
N PHE A 322 18.52 6.47 -6.96
CA PHE A 322 19.10 7.02 -5.74
C PHE A 322 18.25 6.68 -4.50
N LYS A 323 16.93 6.67 -4.64
CA LYS A 323 16.10 6.38 -3.47
C LYS A 323 16.33 4.95 -3.01
N THR A 324 16.62 4.04 -3.96
CA THR A 324 16.91 2.65 -3.59
C THR A 324 18.30 2.53 -3.00
N GLN A 325 19.26 3.28 -3.55
CA GLN A 325 20.60 3.34 -2.96
C GLN A 325 20.52 3.83 -1.52
N LYS A 326 19.63 4.78 -1.26
CA LYS A 326 19.45 5.29 0.10
C LYS A 326 18.93 4.20 1.04
N GLU A 327 17.97 3.39 0.57
CA GLU A 327 17.49 2.30 1.40
C GLU A 327 18.56 1.26 1.64
N ALA A 328 19.49 1.11 0.68
CA ALA A 328 20.57 0.13 0.86
C ALA A 328 21.58 0.63 1.88
N ALA A 329 21.85 1.95 1.87
CA ALA A 329 22.71 2.52 2.90
C ALA A 329 22.14 2.28 4.29
N TRP A 330 20.84 2.51 4.47
CA TRP A 330 20.22 2.15 5.73
C TRP A 330 20.40 0.66 6.04
N ALA A 331 20.23 -0.19 5.02
CA ALA A 331 20.41 -1.62 5.24
C ALA A 331 21.82 -1.92 5.74
N ILE A 332 22.83 -1.24 5.18
CA ILE A 332 24.20 -1.49 5.60
C ILE A 332 24.44 -0.95 7.00
N THR A 333 24.05 0.29 7.24
CA THR A 333 24.25 0.89 8.55
C THR A 333 23.50 0.10 9.64
N ASN A 334 22.33 -0.46 9.32
CA ASN A 334 21.63 -1.30 10.29
C ASN A 334 22.38 -2.61 10.53
N TYR A 335 22.81 -3.26 9.45
CA TYR A 335 23.64 -4.46 9.52
C TYR A 335 24.88 -4.22 10.38
N THR A 336 25.65 -3.17 10.06
CA THR A 336 26.89 -2.94 10.78
C THR A 336 26.65 -2.59 12.23
N SER A 337 25.47 -2.07 12.55
CA SER A 337 25.16 -1.70 13.92
C SER A 337 24.84 -2.91 14.78
N GLY A 338 24.19 -3.92 14.23
CA GLY A 338 23.78 -5.04 15.05
C GLY A 338 24.52 -6.33 14.77
N GLY A 339 25.46 -6.30 13.81
CA GLY A 339 26.13 -7.52 13.41
C GLY A 339 27.29 -7.90 14.32
N THR A 340 27.72 -9.16 14.21
CA THR A 340 28.95 -9.57 14.85
C THR A 340 30.16 -9.03 14.10
N VAL A 341 31.32 -9.13 14.74
CA VAL A 341 32.57 -8.77 14.09
C VAL A 341 32.71 -9.51 12.76
N GLU A 342 32.48 -10.83 12.78
CA GLU A 342 32.71 -11.63 11.59
C GLU A 342 31.72 -11.25 10.48
N GLN A 343 30.47 -10.99 10.85
CA GLN A 343 29.49 -10.53 9.87
C GLN A 343 29.87 -9.18 9.28
N ILE A 344 30.33 -8.25 10.11
CA ILE A 344 30.72 -6.94 9.61
C ILE A 344 31.93 -7.05 8.68
N VAL A 345 32.85 -7.95 9.01
CA VAL A 345 34.03 -8.15 8.17
C VAL A 345 33.63 -8.73 6.82
N TYR A 346 32.76 -9.74 6.84
CA TYR A 346 32.23 -10.32 5.61
C TYR A 346 31.71 -9.24 4.68
N LEU A 347 31.05 -8.23 5.24
CA LEU A 347 30.60 -7.09 4.45
C LEU A 347 31.73 -6.51 3.62
N VAL A 348 32.93 -6.39 4.21
CA VAL A 348 34.02 -5.77 3.48
C VAL A 348 34.52 -6.70 2.39
N HIS A 349 34.70 -7.99 2.71
CA HIS A 349 35.08 -8.96 1.70
C HIS A 349 34.14 -8.92 0.50
N CYS A 350 32.86 -8.63 0.71
CA CYS A 350 31.92 -8.58 -0.41
C CYS A 350 32.08 -7.33 -1.26
N GLY A 351 32.88 -6.36 -0.83
CA GLY A 351 33.09 -5.16 -1.59
C GLY A 351 32.18 -3.99 -1.20
N ILE A 352 31.73 -3.92 0.05
CA ILE A 352 30.82 -2.85 0.43
C ILE A 352 31.50 -1.48 0.36
N ILE A 353 32.81 -1.43 0.58
CA ILE A 353 33.47 -0.17 0.93
C ILE A 353 33.43 0.82 -0.24
N GLU A 354 33.82 0.37 -1.44
CA GLU A 354 33.89 1.34 -2.53
C GLU A 354 32.54 1.92 -2.90
N PRO A 355 31.50 1.14 -3.20
CA PRO A 355 30.20 1.76 -3.51
C PRO A 355 29.67 2.59 -2.36
N LEU A 356 29.97 2.21 -1.11
CA LEU A 356 29.62 3.05 0.03
C LEU A 356 30.30 4.41 -0.05
N MET A 357 31.61 4.42 -0.28
CA MET A 357 32.32 5.69 -0.39
C MET A 357 31.82 6.52 -1.56
N ASN A 358 31.53 5.90 -2.70
CA ASN A 358 31.04 6.65 -3.84
C ASN A 358 29.75 7.39 -3.53
N LEU A 359 28.96 6.89 -2.57
CA LEU A 359 27.70 7.53 -2.24
C LEU A 359 27.87 8.76 -1.34
N LEU A 360 29.05 8.94 -0.74
CA LEU A 360 29.29 10.16 0.03
C LEU A 360 29.27 11.41 -0.84
N SER A 361 29.34 11.24 -2.17
CA SER A 361 29.18 12.35 -3.10
C SER A 361 27.73 12.77 -3.28
N ALA A 362 26.79 12.11 -2.62
CA ALA A 362 25.41 12.57 -2.67
C ALA A 362 25.27 13.81 -1.80
N LYS A 363 24.43 14.77 -2.24
CA LYS A 363 24.24 15.94 -1.40
C LYS A 363 23.00 15.85 -0.52
N ASP A 364 22.16 14.84 -0.69
CA ASP A 364 21.29 14.43 0.41
C ASP A 364 22.11 14.35 1.69
N THR A 365 21.74 15.13 2.69
CA THR A 365 22.54 15.22 3.92
C THR A 365 22.26 14.08 4.88
N LYS A 366 21.04 13.54 4.84
CA LYS A 366 20.67 12.43 5.73
C LYS A 366 21.45 11.16 5.40
N ILE A 367 21.66 10.87 4.12
CA ILE A 367 22.34 9.64 3.76
C ILE A 367 23.81 9.68 4.18
N ILE A 368 24.41 10.87 4.18
CA ILE A 368 25.82 11.00 4.54
C ILE A 368 26.03 10.58 5.99
N GLN A 369 25.13 10.99 6.88
CA GLN A 369 25.20 10.57 8.27
C GLN A 369 25.03 9.06 8.38
N VAL A 370 24.16 8.49 7.55
CA VAL A 370 23.92 7.04 7.58
C VAL A 370 25.16 6.28 7.13
N ILE A 371 25.86 6.80 6.12
CA ILE A 371 27.07 6.15 5.63
C ILE A 371 28.22 6.31 6.62
N LEU A 372 28.38 7.52 7.17
CA LEU A 372 29.42 7.75 8.17
C LEU A 372 29.27 6.83 9.38
N ASP A 373 28.04 6.65 9.87
CA ASP A 373 27.82 5.71 10.97
C ASP A 373 28.30 4.32 10.59
N ALA A 374 27.99 3.89 9.37
CA ALA A 374 28.36 2.56 8.91
C ALA A 374 29.87 2.38 8.92
N ILE A 375 30.59 3.37 8.37
CA ILE A 375 32.06 3.35 8.37
C ILE A 375 32.61 3.31 9.79
N SER A 376 32.11 4.19 10.66
CA SER A 376 32.44 4.10 12.07
C SER A 376 32.27 2.67 12.59
N ASN A 377 31.11 2.07 12.37
CA ASN A 377 30.85 0.71 12.83
C ASN A 377 31.81 -0.30 12.22
N ILE A 378 32.23 -0.10 10.97
CA ILE A 378 33.16 -1.04 10.35
C ILE A 378 34.56 -0.87 10.89
N PHE A 379 35.02 0.37 11.07
CA PHE A 379 36.31 0.60 11.70
C PHE A 379 36.35 0.01 13.09
N GLN A 380 35.31 0.24 13.88
CA GLN A 380 35.24 -0.33 15.23
C GLN A 380 35.36 -1.85 15.20
N ALA A 381 34.73 -2.51 14.23
CA ALA A 381 34.84 -3.96 14.14
C ALA A 381 36.25 -4.38 13.72
N ALA A 382 36.87 -3.60 12.83
CA ALA A 382 38.22 -3.95 12.39
C ALA A 382 39.23 -3.70 13.50
N GLU A 383 39.00 -2.69 14.34
CA GLU A 383 39.94 -2.40 15.42
C GLU A 383 39.86 -3.44 16.52
N LYS A 384 38.74 -4.16 16.64
CA LYS A 384 38.73 -5.41 17.41
C LYS A 384 39.61 -6.47 16.77
N LEU A 385 40.26 -6.15 15.65
CA LEU A 385 41.16 -7.07 14.96
C LEU A 385 42.45 -6.36 14.51
N GLY A 386 42.65 -5.10 14.90
CA GLY A 386 43.84 -4.35 14.53
C GLY A 386 43.99 -4.08 13.05
N GLU A 387 42.90 -4.28 12.31
CA GLU A 387 42.92 -4.07 10.86
C GLU A 387 42.69 -2.62 10.47
N THR A 388 42.42 -1.74 11.45
CA THR A 388 42.13 -0.34 11.22
C THR A 388 42.88 0.27 10.05
N GLU A 389 44.17 -0.03 9.95
CA GLU A 389 44.99 0.60 8.93
C GLU A 389 44.81 -0.06 7.58
N LYS A 390 44.67 -1.39 7.54
CA LYS A 390 44.43 -2.06 6.26
C LYS A 390 43.12 -1.59 5.65
N LEU A 391 42.13 -1.24 6.46
CA LEU A 391 40.90 -0.66 5.96
C LEU A 391 41.09 0.79 5.53
N SER A 392 41.96 1.53 6.23
CA SER A 392 42.27 2.89 5.83
C SER A 392 42.78 2.95 4.40
N ILE A 393 43.66 2.03 4.01
CA ILE A 393 44.18 2.07 2.65
C ILE A 393 43.06 1.88 1.65
N MET A 394 42.16 0.93 1.91
CA MET A 394 41.05 0.67 1.00
C MET A 394 40.21 1.92 0.81
N ILE A 395 39.85 2.57 1.92
CA ILE A 395 39.10 3.83 1.83
C ILE A 395 39.93 4.88 1.10
N GLU A 396 41.24 4.88 1.34
CA GLU A 396 42.09 5.83 0.62
C GLU A 396 42.15 5.52 -0.86
N GLU A 397 42.30 4.25 -1.23
CA GLU A 397 42.55 3.85 -2.62
C GLU A 397 41.37 4.10 -3.54
N CYS A 398 40.14 4.21 -3.02
CA CYS A 398 38.99 4.41 -3.87
C CYS A 398 38.48 5.84 -3.86
N GLY A 399 39.32 6.78 -3.43
CA GLY A 399 38.86 8.13 -3.27
C GLY A 399 38.06 8.39 -2.02
N GLY A 400 37.94 7.39 -1.14
CA GLY A 400 37.17 7.60 0.05
C GLY A 400 37.66 8.78 0.87
N LEU A 401 38.88 8.70 1.41
CA LEU A 401 39.38 9.68 2.38
C LEU A 401 39.25 11.12 1.88
N ASP A 402 39.46 11.31 0.59
CA ASP A 402 39.22 12.63 0.02
C ASP A 402 37.81 13.11 0.34
N LYS A 403 36.82 12.24 0.15
CA LYS A 403 35.44 12.61 0.43
C LYS A 403 35.20 12.92 1.90
N ILE A 404 35.74 12.11 2.84
CA ILE A 404 35.40 12.35 4.24
C ILE A 404 36.00 13.67 4.72
N GLU A 405 37.21 14.00 4.27
CA GLU A 405 37.81 15.23 4.72
C GLU A 405 37.14 16.43 4.06
N ALA A 406 36.54 16.23 2.89
CA ALA A 406 35.76 17.30 2.27
C ALA A 406 34.57 17.68 3.13
N LEU A 407 33.85 16.69 3.64
CA LEU A 407 32.75 16.90 4.58
C LEU A 407 33.22 17.23 5.99
N GLN A 408 34.53 17.27 6.21
CA GLN A 408 35.08 17.87 7.43
C GLN A 408 34.73 19.35 7.51
N ARG A 409 34.54 19.99 6.36
CA ARG A 409 34.07 21.37 6.31
C ARG A 409 32.69 21.42 5.65
N HIS A 410 31.72 20.72 6.25
CA HIS A 410 30.36 20.64 5.75
C HIS A 410 29.42 21.46 6.63
N GLU A 411 28.21 21.68 6.12
CA GLU A 411 27.19 22.44 6.84
C GLU A 411 26.91 21.85 8.21
N ASN A 412 26.48 20.59 8.25
CA ASN A 412 25.81 20.02 9.41
C ASN A 412 26.80 19.69 10.52
N GLU A 413 26.47 20.08 11.76
CA GLU A 413 27.36 19.78 12.89
C GLU A 413 27.58 18.29 13.03
N SER A 414 26.53 17.48 12.90
CA SER A 414 26.69 16.04 13.05
C SER A 414 27.54 15.44 11.93
N VAL A 415 27.55 16.07 10.74
CA VAL A 415 28.35 15.55 9.65
C VAL A 415 29.84 15.79 9.87
N TYR A 416 30.23 17.04 10.10
CA TYR A 416 31.65 17.35 10.11
C TYR A 416 32.37 16.92 11.38
N LYS A 417 31.65 16.73 12.49
CA LYS A 417 32.34 16.18 13.65
C LYS A 417 32.63 14.69 13.49
N ALA A 418 31.86 13.99 12.65
CA ALA A 418 32.13 12.58 12.41
C ALA A 418 33.22 12.40 11.37
N SER A 419 33.17 13.20 10.32
CA SER A 419 34.30 13.32 9.42
C SER A 419 35.58 13.69 10.17
N LEU A 420 35.55 14.80 10.93
CA LEU A 420 36.73 15.12 11.74
C LEU A 420 37.15 13.88 12.49
N ASN A 421 36.32 13.42 13.46
CA ASN A 421 36.62 12.23 14.25
C ASN A 421 37.29 11.14 13.43
N LEU A 422 36.73 10.80 12.27
CA LEU A 422 37.24 9.65 11.50
C LEU A 422 38.69 9.85 11.11
N ILE A 423 39.01 11.02 10.57
CA ILE A 423 40.37 11.30 10.12
C ILE A 423 41.31 11.45 11.31
N GLU A 424 40.92 12.25 12.30
CA GLU A 424 41.67 12.40 13.55
C GLU A 424 42.15 11.06 14.04
N LYS A 425 41.29 10.06 13.89
CA LYS A 425 41.42 8.81 14.61
C LYS A 425 41.99 7.67 13.78
N TYR A 426 41.64 7.61 12.49
CA TYR A 426 41.97 6.45 11.66
C TYR A 426 42.91 6.72 10.51
N PHE A 427 43.05 7.98 10.07
CA PHE A 427 43.86 8.28 8.90
C PHE A 427 45.10 9.02 9.34
N SER A 428 45.13 10.35 9.30
CA SER A 428 46.30 11.13 9.67
C SER A 428 46.80 10.81 11.09
N ARG B 1 17.85 1.31 21.17
CA ARG B 1 17.86 -0.16 21.23
C ARG B 1 18.00 -0.70 19.80
N GLN B 2 17.41 -1.87 19.56
CA GLN B 2 17.17 -2.45 18.24
C GLN B 2 15.95 -1.83 17.55
N GLN B 3 15.37 -0.74 18.09
CA GLN B 3 14.24 -0.10 17.44
C GLN B 3 14.72 0.79 16.29
N ARG B 4 15.57 0.21 15.44
CA ARG B 4 15.98 0.78 14.17
C ARG B 4 15.03 0.40 13.04
N LYS B 5 13.94 -0.29 13.37
CA LYS B 5 12.88 -0.54 12.41
C LYS B 5 12.29 0.79 11.95
N ARG B 6 12.24 0.99 10.64
CA ARG B 6 11.73 2.22 10.06
C ARG B 6 10.38 1.91 9.39
N VAL B 7 9.32 2.52 9.92
CA VAL B 7 7.97 2.37 9.37
C VAL B 7 7.91 2.96 7.96
N SER B 8 6.98 2.43 7.16
CA SER B 8 6.80 2.95 5.80
C SER B 8 6.34 4.39 5.85
N LEU B 9 6.73 5.14 4.83
CA LEU B 9 6.25 6.50 4.66
C LEU B 9 5.26 6.64 3.49
N GLU B 10 5.09 5.60 2.69
CA GLU B 10 4.20 5.67 1.55
C GLU B 10 2.74 5.69 2.02
N PRO B 11 1.92 6.64 1.57
CA PRO B 11 0.54 6.74 2.06
C PRO B 11 -0.38 5.77 1.33
N HIS B 12 -1.60 5.64 1.85
CA HIS B 12 -2.45 4.61 1.30
C HIS B 12 -3.13 5.01 0.01
N GLN B 13 -3.00 6.26 -0.42
CA GLN B 13 -3.60 6.71 -1.67
C GLN B 13 -2.53 7.21 -2.65
N GLY B 14 -3.00 7.61 -3.83
CA GLY B 14 -2.17 8.20 -4.84
C GLY B 14 -1.57 7.20 -5.81
N PRO B 15 -0.61 7.66 -6.61
CA PRO B 15 -0.02 6.80 -7.65
C PRO B 15 0.55 5.51 -7.09
N GLY B 16 0.48 4.45 -7.92
CA GLY B 16 0.93 3.12 -7.55
C GLY B 16 -0.15 2.32 -6.84
N THR B 17 -0.86 3.02 -6.01
CA THR B 17 -1.88 2.51 -5.12
C THR B 17 -3.21 2.32 -5.85
N PRO B 18 -4.04 1.37 -5.41
CA PRO B 18 -5.33 1.15 -6.09
C PRO B 18 -6.21 2.38 -6.07
N GLU B 19 -7.18 2.39 -6.98
CA GLU B 19 -8.09 3.52 -7.09
C GLU B 19 -8.92 3.63 -5.82
N SER B 20 -9.00 4.85 -5.28
CA SER B 20 -9.86 5.09 -4.13
C SER B 20 -11.32 5.15 -4.54
N LYS B 21 -11.61 5.73 -5.72
CA LYS B 21 -12.95 5.87 -6.25
C LYS B 21 -12.91 5.55 -7.74
N LYS B 22 -13.99 4.96 -8.25
CA LYS B 22 -14.04 4.72 -9.68
C LYS B 22 -15.45 4.90 -10.19
N ALA B 23 -15.56 5.52 -11.36
CA ALA B 23 -16.85 5.65 -12.03
C ALA B 23 -17.18 4.39 -12.81
N THR B 24 -18.48 4.13 -12.97
CA THR B 24 -18.97 3.00 -13.74
C THR B 24 -19.18 3.46 -15.19
N SER B 25 -18.43 2.85 -16.12
CA SER B 25 -18.51 3.23 -17.53
C SER B 25 -19.76 2.66 -18.23
N CYS B 26 -20.10 1.39 -18.01
CA CYS B 26 -21.41 0.83 -18.43
C CYS B 26 -21.62 -0.54 -17.76
N PHE B 27 -22.69 -1.24 -18.20
CA PHE B 27 -23.12 -2.55 -17.68
C PHE B 27 -23.45 -3.54 -18.82
#